data_3UGK
#
_entry.id   3UGK
#
_cell.length_a   64.950
_cell.length_b   75.230
_cell.length_c   75.310
_cell.angle_alpha   90.00
_cell.angle_beta   90.00
_cell.angle_gamma   90.00
#
_symmetry.space_group_name_H-M   'P 21 21 21'
#
loop_
_entity.id
_entity.type
_entity.pdbx_description
1 polymer 'Saccharopine dehydrogenase [NAD+, L-lysine-forming]'
2 water water
#
_entity_poly.entity_id   1
_entity_poly.type   'polypeptide(L)'
_entity_poly.pdbx_seq_one_letter_code
;MAAVTLHLRAETKPLEARAALTPTTVKKLIAKGFKIYVEDSPQSTFNINEYRQAGAIIVPAGSWKTAPRDRIIIGLKEMP
ETDTFPLVHEHIQFAHCYKDQAGWQNVLMRFIKGHGTLYDLEFLENDQGRRVAAFGFYAGFAGAALGVRDWAFKQTHSDD
EDLPAVSPYPNEKALVKDVTKDYKEALATGARKPTVLIIGALGRSGSGAIDLLHKVGIPDANILKWDIKETSRGGPFDEI
PQADIFINCIYLSKPIAPFTNMEKLNNPNRRLRTVVDVSADTTNPHNPIPIYTVATVFNKPTVLVPTTAGPKLSVISIDH
LPSLLPREASEFFSHDLLPSLELLPQRKTAPVWVRAKKLFDRHCARVKRSSRL
;
_entity_poly.pdbx_strand_id   A
#
# COMPACT_ATOMS: atom_id res chain seq x y z
N ALA A 2 -10.09 32.53 -6.47
CA ALA A 2 -9.96 31.18 -7.11
C ALA A 2 -8.69 30.38 -6.73
N ALA A 3 -7.67 31.03 -6.11
CA ALA A 3 -6.40 30.34 -5.72
C ALA A 3 -6.60 29.43 -4.51
N VAL A 4 -6.00 28.24 -4.53
CA VAL A 4 -6.28 27.26 -3.48
C VAL A 4 -5.15 27.21 -2.45
N THR A 5 -5.56 27.13 -1.19
CA THR A 5 -4.65 26.86 -0.08
C THR A 5 -4.83 25.44 0.44
N LEU A 6 -3.70 24.71 0.42
CA LEU A 6 -3.66 23.34 0.94
C LEU A 6 -2.82 23.26 2.23
N HIS A 7 -3.26 22.43 3.18
CA HIS A 7 -2.58 22.33 4.48
C HIS A 7 -2.29 20.82 4.64
N LEU A 8 -1.02 20.43 4.65
CA LEU A 8 -0.67 19.03 4.80
C LEU A 8 -0.54 18.66 6.25
N ARG A 9 -1.54 17.94 6.70
CA ARG A 9 -1.70 17.52 8.09
C ARG A 9 -0.64 16.43 8.36
N ALA A 10 -0.02 16.51 9.54
CA ALA A 10 0.87 15.48 10.03
C ALA A 10 0.04 14.23 10.34
N GLU A 11 0.48 13.07 9.85
CA GLU A 11 -0.16 11.80 10.17
C GLU A 11 -0.06 11.52 11.65
N THR A 12 -1.15 11.02 12.20
CA THR A 12 -1.14 10.60 13.59
C THR A 12 -1.34 9.07 13.65
N LYS A 13 -1.67 8.44 12.52
CA LYS A 13 -1.68 6.94 12.55
C LYS A 13 -0.28 6.38 12.98
N PRO A 14 -0.21 5.53 14.02
CA PRO A 14 1.15 5.00 14.41
C PRO A 14 1.91 4.41 13.24
N LEU A 15 3.20 4.76 13.11
CA LEU A 15 4.14 4.24 12.10
C LEU A 15 3.80 4.65 10.64
N GLU A 16 2.80 5.51 10.47
CA GLU A 16 2.51 6.01 9.14
C GLU A 16 3.59 7.04 8.74
N ALA A 17 4.50 6.67 7.81
CA ALA A 17 5.58 7.59 7.46
C ALA A 17 5.46 8.19 6.06
N ARG A 18 4.36 7.84 5.38
CA ARG A 18 4.09 8.35 4.05
C ARG A 18 3.44 9.70 4.18
N ALA A 19 3.38 10.41 3.05
CA ALA A 19 2.68 11.71 2.98
C ALA A 19 2.00 11.89 1.63
N ALA A 20 0.85 12.55 1.66
CA ALA A 20 0.06 12.71 0.45
C ALA A 20 0.66 13.70 -0.54
N LEU A 21 1.41 14.68 -0.04
CA LEU A 21 2.19 15.59 -0.87
C LEU A 21 3.64 15.49 -0.45
N THR A 22 4.53 15.50 -1.43
CA THR A 22 5.95 15.39 -1.14
C THR A 22 6.57 16.72 -1.42
N PRO A 23 7.83 16.88 -1.04
CA PRO A 23 8.42 18.21 -1.30
C PRO A 23 8.40 18.57 -2.77
N THR A 24 8.66 17.59 -3.66
CA THR A 24 8.60 17.79 -5.12
C THR A 24 7.22 18.22 -5.63
N THR A 25 6.16 17.58 -5.17
CA THR A 25 4.82 17.97 -5.66
C THR A 25 4.33 19.31 -5.05
N VAL A 26 4.70 19.60 -3.80
CA VAL A 26 4.49 20.94 -3.18
C VAL A 26 5.08 22.06 -4.05
N LYS A 27 6.33 21.90 -4.38
CA LYS A 27 7.00 22.74 -5.33
C LYS A 27 6.25 22.92 -6.68
N LYS A 28 5.83 21.84 -7.32
CA LYS A 28 5.02 22.01 -8.55
C LYS A 28 3.69 22.76 -8.24
N LEU A 29 3.08 22.49 -7.11
CA LEU A 29 1.78 23.10 -6.89
C LEU A 29 1.91 24.61 -6.67
N ILE A 30 2.90 25.04 -5.87
CA ILE A 30 3.28 26.46 -5.70
C ILE A 30 3.57 27.14 -7.06
N ALA A 31 4.36 26.51 -7.92
CA ALA A 31 4.59 27.00 -9.32
C ALA A 31 3.27 27.25 -10.06
N LYS A 32 2.19 26.61 -9.60
CA LYS A 32 0.89 26.66 -10.26
C LYS A 32 -0.03 27.59 -9.51
N GLY A 33 0.51 28.24 -8.50
CA GLY A 33 -0.16 29.28 -7.78
C GLY A 33 -0.87 28.81 -6.52
N PHE A 34 -0.68 27.55 -6.13
CA PHE A 34 -1.20 27.06 -4.83
C PHE A 34 -0.46 27.69 -3.67
N LYS A 35 -1.15 27.89 -2.55
CA LYS A 35 -0.48 28.21 -1.34
C LYS A 35 -0.48 26.98 -0.43
N ILE A 36 0.69 26.64 0.07
CA ILE A 36 0.83 25.37 0.77
C ILE A 36 1.42 25.52 2.16
N TYR A 37 0.67 25.10 3.16
CA TYR A 37 1.20 24.92 4.52
C TYR A 37 1.58 23.47 4.72
N VAL A 38 2.66 23.24 5.46
CA VAL A 38 3.07 21.85 5.77
C VAL A 38 3.37 21.74 7.26
N GLU A 39 2.62 20.88 7.96
CA GLU A 39 2.88 20.59 9.35
C GLU A 39 4.21 19.78 9.52
N ASP A 40 4.99 20.20 10.51
CA ASP A 40 6.17 19.49 10.99
C ASP A 40 5.75 18.06 11.47
N SER A 41 6.30 16.98 10.92
CA SER A 41 5.87 15.62 11.28
C SER A 41 7.06 14.73 11.60
N PRO A 42 7.32 14.50 12.90
CA PRO A 42 8.59 13.74 13.09
C PRO A 42 8.43 12.28 12.61
N GLN A 43 7.20 11.76 12.54
CA GLN A 43 7.01 10.42 11.87
C GLN A 43 7.18 10.33 10.36
N SER A 44 7.13 11.47 9.67
CA SER A 44 7.25 11.47 8.20
C SER A 44 8.66 11.03 7.73
N THR A 45 8.73 10.21 6.66
CA THR A 45 10.02 9.84 6.13
C THR A 45 10.69 11.08 5.53
N PHE A 46 9.92 12.16 5.23
CA PHE A 46 10.54 13.36 4.69
C PHE A 46 11.03 14.30 5.81
N ASN A 47 12.20 14.89 5.59
CA ASN A 47 12.64 15.96 6.51
C ASN A 47 11.89 17.26 6.25
N ILE A 48 11.41 17.91 7.31
CA ILE A 48 10.63 19.18 7.21
C ILE A 48 11.31 20.20 6.31
N ASN A 49 12.64 20.26 6.40
CA ASN A 49 13.44 21.20 5.65
C ASN A 49 13.33 21.04 4.15
N GLU A 50 13.01 19.83 3.69
CA GLU A 50 12.80 19.63 2.23
C GLU A 50 11.55 20.40 1.83
N TYR A 51 10.51 20.39 2.63
CA TYR A 51 9.32 21.13 2.29
C TYR A 51 9.54 22.63 2.37
N ARG A 52 10.34 23.03 3.35
CA ARG A 52 10.80 24.45 3.52
C ARG A 52 11.46 24.91 2.23
N GLN A 53 12.47 24.16 1.74
CA GLN A 53 13.16 24.54 0.48
C GLN A 53 12.23 24.53 -0.72
N ALA A 54 11.20 23.68 -0.70
CA ALA A 54 10.24 23.63 -1.78
C ALA A 54 9.21 24.78 -1.69
N GLY A 55 9.28 25.63 -0.63
CA GLY A 55 8.44 26.86 -0.55
C GLY A 55 7.21 26.74 0.35
N ALA A 56 7.09 25.63 1.08
CA ALA A 56 5.96 25.54 1.96
C ALA A 56 6.11 26.44 3.19
N ILE A 57 4.96 26.84 3.72
CA ILE A 57 4.93 27.51 5.01
C ILE A 57 4.83 26.46 6.13
N ILE A 58 5.83 26.43 6.98
CA ILE A 58 5.97 25.38 7.95
C ILE A 58 5.21 25.71 9.21
N VAL A 59 4.32 24.82 9.63
CA VAL A 59 3.54 25.02 10.83
C VAL A 59 3.55 23.81 11.80
N PRO A 60 3.15 24.00 13.08
CA PRO A 60 3.15 22.91 14.06
C PRO A 60 2.18 21.75 13.67
N ALA A 61 2.55 20.52 14.05
CA ALA A 61 1.67 19.37 13.95
C ALA A 61 0.36 19.72 14.64
N GLY A 62 -0.76 19.31 14.03
CA GLY A 62 -2.09 19.55 14.65
C GLY A 62 -2.66 20.96 14.41
N SER A 63 -1.87 21.86 13.80
CA SER A 63 -2.33 23.26 13.56
C SER A 63 -3.55 23.40 12.59
N TRP A 64 -3.88 22.34 11.87
CA TRP A 64 -4.98 22.38 10.94
C TRP A 64 -6.25 22.58 11.71
N LYS A 65 -6.27 22.14 12.97
CA LYS A 65 -7.49 22.17 13.74
C LYS A 65 -7.98 23.62 13.98
N THR A 66 -7.11 24.63 13.84
CA THR A 66 -7.55 25.99 14.03
C THR A 66 -7.31 26.84 12.77
N ALA A 67 -6.97 26.17 11.67
CA ALA A 67 -6.71 26.84 10.42
C ALA A 67 -7.98 27.47 9.86
N PRO A 68 -7.83 28.61 9.12
CA PRO A 68 -8.97 29.30 8.48
C PRO A 68 -9.78 28.28 7.66
N ARG A 69 -11.09 28.49 7.64
CA ARG A 69 -12.08 27.52 7.14
C ARG A 69 -11.95 27.25 5.63
N ASP A 70 -11.29 28.15 4.89
CA ASP A 70 -11.13 27.95 3.46
C ASP A 70 -9.95 26.99 3.09
N ARG A 71 -9.11 26.63 4.06
CA ARG A 71 -7.91 25.80 3.74
C ARG A 71 -8.38 24.41 3.46
N ILE A 72 -7.87 23.81 2.42
CA ILE A 72 -8.25 22.37 2.23
C ILE A 72 -7.26 21.52 3.03
N ILE A 73 -7.73 20.72 3.95
CA ILE A 73 -6.80 19.95 4.80
C ILE A 73 -6.55 18.63 4.10
N ILE A 74 -5.31 18.40 3.72
CA ILE A 74 -4.95 17.14 3.06
C ILE A 74 -4.03 16.28 3.97
N GLY A 75 -4.32 14.99 4.00
CA GLY A 75 -3.55 13.97 4.74
C GLY A 75 -3.73 12.62 4.02
N LEU A 76 -3.02 11.59 4.46
CA LEU A 76 -3.16 10.28 3.84
C LEU A 76 -4.10 9.40 4.60
N LYS A 77 -3.87 9.27 5.90
CA LYS A 77 -4.61 8.28 6.65
C LYS A 77 -5.60 8.92 7.65
N GLU A 78 -6.19 8.05 8.46
CA GLU A 78 -7.31 8.46 9.30
C GLU A 78 -6.94 9.37 10.49
N MET A 79 -7.96 10.13 10.91
CA MET A 79 -8.03 10.86 12.17
C MET A 79 -8.01 9.88 13.32
N PRO A 80 -7.43 10.31 14.47
CA PRO A 80 -7.62 9.61 15.76
C PRO A 80 -9.11 9.41 16.07
N GLU A 81 -9.53 8.17 16.27
CA GLU A 81 -10.92 7.86 16.69
C GLU A 81 -11.27 8.52 18.04
N THR A 82 -10.26 8.77 18.86
CA THR A 82 -10.49 9.47 20.12
C THR A 82 -10.87 10.95 19.94
N ASP A 83 -10.46 11.62 18.85
CA ASP A 83 -10.98 12.97 18.51
C ASP A 83 -12.44 12.89 18.13
N THR A 84 -13.27 13.74 18.73
CA THR A 84 -14.72 13.74 18.46
C THR A 84 -15.25 15.11 18.06
N PHE A 85 -14.36 16.10 17.96
CA PHE A 85 -14.78 17.43 17.58
C PHE A 85 -15.24 17.52 16.11
N PRO A 86 -16.08 18.53 15.80
CA PRO A 86 -16.64 18.77 14.49
C PRO A 86 -15.52 19.03 13.46
N LEU A 87 -15.67 18.40 12.27
CA LEU A 87 -14.80 18.65 11.13
C LEU A 87 -15.41 19.73 10.26
N VAL A 88 -14.82 20.94 10.34
CA VAL A 88 -15.35 22.09 9.55
C VAL A 88 -14.78 22.29 8.14
N HIS A 89 -13.58 21.76 7.88
CA HIS A 89 -12.91 21.99 6.59
C HIS A 89 -13.37 21.04 5.51
N GLU A 90 -13.01 21.35 4.27
CA GLU A 90 -12.91 20.32 3.24
C GLU A 90 -11.62 19.51 3.48
N HIS A 91 -11.76 18.17 3.63
CA HIS A 91 -10.65 17.23 3.85
C HIS A 91 -10.46 16.31 2.66
N ILE A 92 -9.19 16.01 2.39
CA ILE A 92 -8.78 15.05 1.40
C ILE A 92 -7.89 14.05 2.15
N GLN A 93 -8.26 12.76 2.10
CA GLN A 93 -7.61 11.71 2.89
C GLN A 93 -8.28 10.37 2.51
N PHE A 94 -7.61 9.26 2.82
CA PHE A 94 -8.30 7.94 2.98
C PHE A 94 -8.98 8.01 4.35
N ALA A 95 -10.29 7.80 4.35
CA ALA A 95 -11.01 7.77 5.61
C ALA A 95 -11.53 6.40 5.99
N HIS A 96 -11.43 5.43 5.09
CA HIS A 96 -11.82 4.04 5.41
C HIS A 96 -13.09 4.01 6.25
N CYS A 97 -14.17 4.54 5.69
CA CYS A 97 -15.50 4.54 6.33
C CYS A 97 -16.64 4.34 5.32
N TYR A 98 -16.29 4.03 4.08
CA TYR A 98 -17.29 3.75 3.03
C TYR A 98 -17.62 2.23 2.87
N LYS A 99 -16.99 1.38 3.69
CA LYS A 99 -17.12 -0.08 3.55
C LYS A 99 -17.53 -0.75 4.85
N ASP A 100 -18.41 -0.06 5.61
CA ASP A 100 -19.00 -0.56 6.86
C ASP A 100 -17.96 -0.98 7.94
N GLN A 101 -16.75 -0.40 7.86
CA GLN A 101 -15.72 -0.51 8.90
C GLN A 101 -16.30 -0.17 10.31
N ALA A 102 -15.84 -0.87 11.36
CA ALA A 102 -16.24 -0.57 12.75
C ALA A 102 -16.13 0.95 13.06
N GLY A 103 -17.24 1.58 13.40
CA GLY A 103 -17.19 3.01 13.75
C GLY A 103 -17.40 3.97 12.59
N TRP A 104 -17.70 3.44 11.41
CA TRP A 104 -17.83 4.27 10.17
C TRP A 104 -18.82 5.49 10.30
N GLN A 105 -19.97 5.28 10.96
CA GLN A 105 -20.97 6.35 11.16
C GLN A 105 -20.41 7.54 11.97
N ASN A 106 -19.71 7.21 13.05
CA ASN A 106 -19.08 8.23 13.90
C ASN A 106 -18.05 9.10 13.11
N VAL A 107 -17.24 8.46 12.27
CA VAL A 107 -16.34 9.13 11.33
C VAL A 107 -17.20 10.20 10.62
N LEU A 108 -18.25 9.76 9.91
CA LEU A 108 -19.06 10.69 9.11
C LEU A 108 -19.81 11.77 9.94
N MET A 109 -20.24 11.40 11.16
CA MET A 109 -20.95 12.31 12.07
C MET A 109 -20.12 13.57 12.40
N ARG A 110 -18.81 13.39 12.58
CA ARG A 110 -17.88 14.55 12.75
C ARG A 110 -17.99 15.57 11.60
N PHE A 111 -17.88 15.12 10.33
CA PHE A 111 -18.10 16.03 9.16
C PHE A 111 -19.47 16.66 9.08
N ILE A 112 -20.50 15.83 9.34
CA ILE A 112 -21.89 16.30 9.31
C ILE A 112 -22.08 17.42 10.33
N LYS A 113 -21.67 17.17 11.58
CA LYS A 113 -21.82 18.19 12.61
C LYS A 113 -21.04 19.50 12.27
N GLY A 114 -19.85 19.39 11.67
CA GLY A 114 -19.06 20.57 11.33
C GLY A 114 -19.42 21.26 10.02
N HIS A 115 -20.20 20.58 9.16
CA HIS A 115 -20.49 21.06 7.78
C HIS A 115 -19.22 20.98 6.94
N GLY A 116 -18.34 20.05 7.30
CA GLY A 116 -17.14 19.78 6.51
C GLY A 116 -17.41 18.82 5.35
N THR A 117 -16.41 18.61 4.50
CA THR A 117 -16.53 17.77 3.29
C THR A 117 -15.35 16.83 3.31
N LEU A 118 -15.61 15.58 2.97
CA LEU A 118 -14.59 14.62 2.77
C LEU A 118 -14.57 14.18 1.28
N TYR A 119 -13.41 14.43 0.65
CA TYR A 119 -13.06 13.85 -0.62
C TYR A 119 -12.12 12.66 -0.37
N ASP A 120 -12.67 11.45 -0.46
CA ASP A 120 -11.90 10.27 -0.08
C ASP A 120 -10.93 9.88 -1.21
N LEU A 121 -9.66 9.74 -0.85
CA LEU A 121 -8.58 9.38 -1.80
C LEU A 121 -8.86 8.07 -2.54
N GLU A 122 -9.52 7.14 -1.86
CA GLU A 122 -9.69 5.76 -2.31
C GLU A 122 -10.68 5.72 -3.48
N PHE A 123 -11.40 6.82 -3.68
CA PHE A 123 -12.52 6.90 -4.60
C PHE A 123 -12.39 8.09 -5.54
N LEU A 124 -11.20 8.65 -5.66
CA LEU A 124 -10.91 9.58 -6.75
C LEU A 124 -10.57 8.76 -7.98
N GLU A 125 -11.38 8.94 -9.02
CA GLU A 125 -11.35 8.13 -10.23
C GLU A 125 -11.38 9.06 -11.41
N ASN A 126 -10.87 8.61 -12.52
CA ASN A 126 -10.94 9.39 -13.74
C ASN A 126 -12.31 9.09 -14.36
N ASP A 127 -12.57 9.63 -15.56
CA ASP A 127 -13.93 9.53 -16.12
C ASP A 127 -14.29 8.11 -16.62
N GLN A 128 -13.32 7.19 -16.61
CA GLN A 128 -13.55 5.78 -17.06
C GLN A 128 -13.67 4.93 -15.81
N GLY A 129 -13.44 5.58 -14.67
CA GLY A 129 -13.61 4.96 -13.35
C GLY A 129 -12.34 4.32 -12.82
N ARG A 130 -11.22 4.56 -13.47
CA ARG A 130 -9.96 4.07 -12.93
C ARG A 130 -9.49 4.99 -11.77
N ARG A 131 -9.04 4.40 -10.64
CA ARG A 131 -8.45 5.19 -9.55
C ARG A 131 -7.28 6.02 -10.05
N VAL A 132 -7.26 7.32 -9.71
CA VAL A 132 -6.17 8.20 -10.18
C VAL A 132 -4.86 7.94 -9.39
N ALA A 133 -4.99 7.53 -8.12
CA ALA A 133 -3.83 7.35 -7.24
C ALA A 133 -3.98 6.21 -6.24
N ALA A 134 -3.11 5.22 -6.40
CA ALA A 134 -3.09 4.03 -5.54
C ALA A 134 -1.62 3.59 -5.32
N PHE A 135 -1.37 2.75 -4.31
CA PHE A 135 0.01 2.29 -3.95
C PHE A 135 0.55 0.92 -4.54
N GLY A 136 -0.02 0.45 -5.62
CA GLY A 136 0.41 -0.81 -6.20
C GLY A 136 1.89 -1.09 -6.37
N PHE A 137 2.64 -0.15 -6.98
CA PHE A 137 3.92 -0.46 -7.56
C PHE A 137 4.88 -0.89 -6.46
N TYR A 138 4.95 -0.06 -5.41
CA TYR A 138 5.84 -0.33 -4.30
C TYR A 138 5.40 -1.39 -3.34
N ALA A 139 4.09 -1.66 -3.28
CA ALA A 139 3.60 -2.92 -2.72
C ALA A 139 4.29 -4.16 -3.39
N GLY A 140 4.32 -4.20 -4.72
CA GLY A 140 4.91 -5.32 -5.44
C GLY A 140 6.47 -5.31 -5.27
N PHE A 141 7.06 -4.12 -5.39
CA PHE A 141 8.49 -3.95 -5.15
C PHE A 141 8.90 -4.48 -3.74
N ALA A 142 8.22 -4.01 -2.70
CA ALA A 142 8.58 -4.34 -1.35
C ALA A 142 8.32 -5.81 -1.12
N GLY A 143 7.19 -6.29 -1.63
CA GLY A 143 6.83 -7.71 -1.49
C GLY A 143 7.89 -8.63 -2.07
N ALA A 144 8.31 -8.36 -3.28
CA ALA A 144 9.37 -9.14 -3.92
C ALA A 144 10.66 -9.10 -3.09
N ALA A 145 10.99 -7.90 -2.59
CA ALA A 145 12.22 -7.67 -1.84
C ALA A 145 12.20 -8.60 -0.65
N LEU A 146 11.09 -8.64 0.07
CA LEU A 146 10.98 -9.49 1.21
C LEU A 146 10.95 -11.03 0.89
N GLY A 147 10.37 -11.39 -0.24
CA GLY A 147 10.36 -12.82 -0.67
C GLY A 147 11.79 -13.29 -1.01
N VAL A 148 12.55 -12.45 -1.69
CA VAL A 148 13.93 -12.78 -1.89
C VAL A 148 14.70 -12.89 -0.54
N ARG A 149 14.41 -11.98 0.40
CA ARG A 149 15.13 -12.01 1.67
C ARG A 149 14.82 -13.31 2.45
N ASP A 150 13.54 -13.69 2.48
CA ASP A 150 13.15 -14.93 3.11
C ASP A 150 13.71 -16.19 2.35
N TRP A 151 13.64 -16.20 1.03
CA TRP A 151 14.21 -17.33 0.28
C TRP A 151 15.70 -17.52 0.61
N ALA A 152 16.43 -16.39 0.63
CA ALA A 152 17.85 -16.30 0.89
C ALA A 152 18.10 -16.66 2.35
N PHE A 153 17.22 -16.22 3.23
CA PHE A 153 17.32 -16.52 4.63
C PHE A 153 17.32 -18.05 4.83
N LYS A 154 16.43 -18.73 4.10
CA LYS A 154 16.28 -20.20 4.17
C LYS A 154 17.50 -20.95 3.65
N GLN A 155 18.27 -20.34 2.73
CA GLN A 155 19.53 -20.93 2.27
C GLN A 155 20.70 -20.82 3.30
N THR A 156 20.60 -19.89 4.26
CA THR A 156 21.74 -19.59 5.16
C THR A 156 21.42 -19.81 6.62
N HIS A 157 20.25 -20.32 6.94
CA HIS A 157 19.92 -20.49 8.35
C HIS A 157 19.20 -21.79 8.44
N SER A 158 19.11 -22.37 9.64
CA SER A 158 18.37 -23.63 9.76
C SER A 158 16.92 -23.28 9.85
N ASP A 159 16.08 -24.28 9.63
CA ASP A 159 14.66 -24.17 9.68
C ASP A 159 14.13 -23.69 11.01
N ASP A 160 14.83 -23.92 12.10
CA ASP A 160 14.26 -23.46 13.38
C ASP A 160 14.37 -21.93 13.58
N GLU A 161 15.02 -21.21 12.65
CA GLU A 161 15.04 -19.75 12.65
C GLU A 161 14.07 -19.20 11.56
N ASP A 162 13.45 -18.07 11.86
CA ASP A 162 12.62 -17.32 10.89
C ASP A 162 13.24 -15.99 10.48
N LEU A 163 12.86 -15.47 9.30
CA LEU A 163 13.29 -14.13 8.87
C LEU A 163 13.04 -13.12 10.00
N PRO A 164 14.08 -12.35 10.43
CA PRO A 164 13.88 -11.39 11.50
C PRO A 164 12.98 -10.18 11.11
N ALA A 165 12.46 -9.46 12.12
CA ALA A 165 11.80 -8.14 11.96
C ALA A 165 12.41 -7.27 10.90
N VAL A 166 11.52 -6.66 10.07
CA VAL A 166 11.97 -5.73 9.05
C VAL A 166 11.54 -4.30 9.42
N SER A 167 12.22 -3.34 8.79
CA SER A 167 11.91 -1.97 9.03
C SER A 167 11.88 -1.16 7.75
N PRO A 168 11.09 -0.07 7.74
CA PRO A 168 11.15 0.78 6.56
C PRO A 168 12.57 1.28 6.16
N TYR A 169 12.78 1.46 4.88
CA TYR A 169 14.09 1.87 4.35
C TYR A 169 14.00 3.33 3.85
N PRO A 170 15.17 4.06 3.78
CA PRO A 170 15.13 5.50 3.53
C PRO A 170 14.91 5.76 2.08
N ASN A 171 15.35 4.84 1.22
CA ASN A 171 15.25 4.93 -0.25
C ASN A 171 15.38 3.54 -0.88
N GLU A 172 15.06 3.45 -2.17
CA GLU A 172 15.04 2.18 -2.86
C GLU A 172 16.45 1.53 -2.92
N LYS A 173 17.45 2.34 -3.29
CA LYS A 173 18.87 1.91 -3.29
C LYS A 173 19.30 1.13 -2.07
N ALA A 174 19.00 1.66 -0.88
CA ALA A 174 19.31 0.99 0.36
C ALA A 174 18.61 -0.38 0.52
N LEU A 175 17.35 -0.48 0.12
CA LEU A 175 16.64 -1.77 0.10
C LEU A 175 17.29 -2.78 -0.88
N VAL A 176 17.48 -2.34 -2.14
CA VAL A 176 18.14 -3.16 -3.17
C VAL A 176 19.51 -3.70 -2.65
N LYS A 177 20.32 -2.82 -2.05
CA LYS A 177 21.66 -3.21 -1.64
C LYS A 177 21.51 -4.31 -0.55
N ASP A 178 20.57 -4.16 0.37
CA ASP A 178 20.38 -5.18 1.44
C ASP A 178 19.88 -6.50 0.90
N VAL A 179 18.87 -6.45 0.02
CA VAL A 179 18.39 -7.65 -0.63
C VAL A 179 19.52 -8.36 -1.41
N THR A 180 20.29 -7.60 -2.21
CA THR A 180 21.39 -8.12 -2.97
C THR A 180 22.44 -8.82 -2.11
N LYS A 181 22.80 -8.22 -0.98
CA LYS A 181 23.75 -8.81 -0.05
C LYS A 181 23.24 -10.19 0.43
N ASP A 182 22.05 -10.24 1.00
CA ASP A 182 21.40 -11.54 1.39
C ASP A 182 21.40 -12.56 0.29
N TYR A 183 21.03 -12.10 -0.89
CA TYR A 183 20.93 -12.94 -2.06
C TYR A 183 22.32 -13.52 -2.50
N LYS A 184 23.33 -12.68 -2.63
CA LYS A 184 24.66 -13.17 -2.89
C LYS A 184 25.17 -14.17 -1.83
N GLU A 185 24.82 -13.96 -0.58
CA GLU A 185 25.22 -14.89 0.48
C GLU A 185 24.53 -16.23 0.31
N ALA A 186 23.29 -16.20 -0.17
CA ALA A 186 22.57 -17.44 -0.38
C ALA A 186 23.24 -18.18 -1.51
N LEU A 187 23.62 -17.46 -2.57
CA LEU A 187 24.21 -18.13 -3.71
C LEU A 187 25.60 -18.73 -3.38
N ALA A 188 26.32 -18.10 -2.43
CA ALA A 188 27.63 -18.58 -2.01
C ALA A 188 27.61 -20.00 -1.40
N THR A 189 26.45 -20.41 -0.86
CA THR A 189 26.28 -21.77 -0.32
C THR A 189 26.09 -22.86 -1.41
N GLY A 190 25.89 -22.46 -2.67
CA GLY A 190 25.61 -23.41 -3.72
C GLY A 190 24.17 -23.47 -4.21
N ALA A 191 23.23 -22.83 -3.47
CA ALA A 191 21.83 -22.62 -3.96
C ALA A 191 21.91 -22.13 -5.39
N ARG A 192 21.05 -22.63 -6.23
CA ARG A 192 20.98 -22.09 -7.57
C ARG A 192 20.16 -20.82 -7.54
N LYS A 193 20.29 -20.01 -8.58
CA LYS A 193 19.48 -18.83 -8.74
C LYS A 193 17.98 -19.21 -8.75
N PRO A 194 17.13 -18.52 -7.94
CA PRO A 194 15.75 -18.96 -7.77
C PRO A 194 14.90 -18.67 -9.00
N THR A 195 13.91 -19.51 -9.25
CA THR A 195 12.89 -19.14 -10.19
C THR A 195 11.70 -18.56 -9.43
N VAL A 196 11.10 -17.54 -10.03
CA VAL A 196 10.03 -16.82 -9.34
C VAL A 196 8.81 -16.79 -10.21
N LEU A 197 7.67 -17.27 -9.67
CA LEU A 197 6.39 -17.11 -10.37
C LEU A 197 5.69 -15.91 -9.78
N ILE A 198 5.31 -14.98 -10.64
CA ILE A 198 4.48 -13.86 -10.29
C ILE A 198 3.14 -14.05 -11.00
N ILE A 199 2.06 -14.06 -10.22
CA ILE A 199 0.70 -13.97 -10.77
C ILE A 199 0.23 -12.51 -10.68
N GLY A 200 -0.19 -11.94 -11.82
CA GLY A 200 -0.59 -10.54 -11.91
C GLY A 200 0.56 -9.68 -12.34
N ALA A 201 1.35 -10.17 -13.31
CA ALA A 201 2.58 -9.50 -13.72
C ALA A 201 2.40 -8.16 -14.43
N LEU A 202 1.19 -7.90 -14.91
CA LEU A 202 0.90 -6.73 -15.78
C LEU A 202 0.39 -5.50 -15.02
N GLY A 203 -0.21 -5.67 -13.85
CA GLY A 203 -0.57 -4.52 -13.01
C GLY A 203 0.62 -3.81 -12.42
N ARG A 204 0.35 -2.84 -11.58
CA ARG A 204 1.41 -1.99 -11.09
C ARG A 204 2.22 -2.78 -10.06
N SER A 205 1.55 -3.50 -9.17
CA SER A 205 2.27 -4.35 -8.20
C SER A 205 3.15 -5.40 -8.90
N GLY A 206 2.60 -6.05 -9.92
CA GLY A 206 3.37 -6.93 -10.74
C GLY A 206 4.64 -6.35 -11.30
N SER A 207 4.54 -5.17 -11.93
CA SER A 207 5.68 -4.44 -12.51
C SER A 207 6.67 -4.05 -11.40
N GLY A 208 6.14 -3.63 -10.25
CA GLY A 208 7.01 -3.36 -9.07
C GLY A 208 7.83 -4.59 -8.68
N ALA A 209 7.17 -5.74 -8.53
CA ALA A 209 7.89 -6.99 -8.20
C ALA A 209 8.99 -7.31 -9.20
N ILE A 210 8.67 -7.20 -10.49
CA ILE A 210 9.63 -7.49 -11.56
C ILE A 210 10.82 -6.53 -11.51
N ASP A 211 10.52 -5.25 -11.33
CA ASP A 211 11.53 -4.27 -11.23
C ASP A 211 12.53 -4.60 -10.10
N LEU A 212 12.05 -5.02 -8.93
CA LEU A 212 12.91 -5.37 -7.81
C LEU A 212 13.84 -6.53 -8.19
N LEU A 213 13.28 -7.55 -8.81
CA LEU A 213 14.03 -8.78 -9.16
C LEU A 213 15.13 -8.52 -10.13
N HIS A 214 14.87 -7.64 -11.13
CA HIS A 214 15.88 -7.25 -12.10
C HIS A 214 16.95 -6.53 -11.35
N LYS A 215 16.59 -5.55 -10.51
CA LYS A 215 17.60 -4.72 -9.89
C LYS A 215 18.48 -5.49 -8.93
N VAL A 216 17.96 -6.57 -8.38
CA VAL A 216 18.69 -7.45 -7.46
C VAL A 216 19.63 -8.38 -8.25
N GLY A 217 19.35 -8.54 -9.55
CA GLY A 217 20.10 -9.41 -10.41
C GLY A 217 19.45 -10.76 -10.72
N ILE A 218 18.17 -10.96 -10.34
CA ILE A 218 17.51 -12.21 -10.77
C ILE A 218 17.30 -12.21 -12.31
N PRO A 219 17.84 -13.23 -13.02
CA PRO A 219 17.78 -13.21 -14.49
C PRO A 219 16.33 -13.13 -14.92
N ASP A 220 16.06 -12.40 -15.99
CA ASP A 220 14.71 -12.32 -16.53
C ASP A 220 14.17 -13.70 -16.91
N ALA A 221 15.07 -14.58 -17.31
CA ALA A 221 14.72 -15.97 -17.68
C ALA A 221 14.15 -16.77 -16.52
N ASN A 222 14.53 -16.38 -15.30
CA ASN A 222 14.12 -17.05 -14.08
C ASN A 222 12.76 -16.55 -13.57
N ILE A 223 12.09 -15.65 -14.28
CA ILE A 223 10.86 -15.05 -13.79
C ILE A 223 9.67 -15.51 -14.67
N LEU A 224 8.69 -16.17 -14.09
CA LEU A 224 7.57 -16.65 -14.87
C LEU A 224 6.45 -15.62 -14.66
N LYS A 225 6.19 -14.82 -15.69
CA LYS A 225 5.27 -13.68 -15.64
C LYS A 225 3.86 -14.04 -16.11
N TRP A 226 2.97 -14.27 -15.14
CA TRP A 226 1.67 -14.80 -15.42
C TRP A 226 0.67 -13.72 -15.16
N ASP A 227 -0.34 -13.67 -16.02
CA ASP A 227 -1.49 -12.84 -15.72
C ASP A 227 -2.80 -13.61 -15.98
N ILE A 228 -3.92 -12.91 -16.15
CA ILE A 228 -5.21 -13.58 -16.49
C ILE A 228 -5.15 -14.67 -17.59
N LYS A 229 -4.44 -14.41 -18.71
CA LYS A 229 -4.30 -15.40 -19.80
C LYS A 229 -3.99 -16.78 -19.23
N GLU A 230 -3.22 -16.82 -18.15
CA GLU A 230 -2.66 -18.04 -17.64
C GLU A 230 -3.51 -18.59 -16.50
N THR A 231 -4.18 -17.73 -15.72
CA THR A 231 -4.85 -18.19 -14.50
C THR A 231 -6.28 -18.60 -14.75
N SER A 232 -6.84 -18.08 -15.84
CA SER A 232 -8.19 -18.45 -16.30
C SER A 232 -8.23 -19.95 -16.60
N ARG A 233 -7.09 -20.53 -17.00
CA ARG A 233 -7.03 -22.00 -17.18
C ARG A 233 -7.59 -22.71 -15.93
N GLY A 234 -7.58 -22.00 -14.77
CA GLY A 234 -8.11 -22.51 -13.49
C GLY A 234 -7.10 -23.35 -12.72
N GLY A 235 -7.02 -23.15 -11.41
CA GLY A 235 -6.04 -23.87 -10.55
C GLY A 235 -6.47 -25.26 -10.10
N PRO A 236 -5.63 -25.97 -9.33
CA PRO A 236 -4.32 -25.59 -8.80
C PRO A 236 -3.25 -25.56 -9.87
N PHE A 237 -2.22 -24.72 -9.68
CA PHE A 237 -1.15 -24.63 -10.64
C PHE A 237 0.14 -25.33 -10.20
N ASP A 238 0.57 -26.28 -11.02
CA ASP A 238 1.79 -27.09 -10.84
C ASP A 238 3.01 -26.19 -10.73
N GLU A 239 2.95 -25.06 -11.43
CA GLU A 239 4.10 -24.17 -11.51
C GLU A 239 4.38 -23.51 -10.17
N ILE A 240 3.40 -23.50 -9.27
CA ILE A 240 3.58 -22.88 -7.95
C ILE A 240 4.51 -23.64 -6.97
N PRO A 241 4.24 -24.93 -6.67
CA PRO A 241 5.24 -25.75 -5.94
C PRO A 241 6.59 -25.93 -6.62
N GLN A 242 6.64 -25.73 -7.92
CA GLN A 242 7.87 -25.87 -8.67
C GLN A 242 8.72 -24.59 -8.67
N ALA A 243 8.14 -23.41 -8.42
CA ALA A 243 8.95 -22.19 -8.27
C ALA A 243 9.71 -22.18 -6.95
N ASP A 244 10.79 -21.42 -6.87
CA ASP A 244 11.40 -21.18 -5.57
C ASP A 244 10.57 -20.16 -4.77
N ILE A 245 10.19 -19.11 -5.46
CA ILE A 245 9.40 -18.03 -4.86
C ILE A 245 8.14 -17.80 -5.73
N PHE A 246 6.99 -17.67 -5.06
CA PHE A 246 5.70 -17.31 -5.70
C PHE A 246 5.19 -15.96 -5.16
N ILE A 247 5.05 -14.97 -6.04
CA ILE A 247 4.56 -13.63 -5.64
C ILE A 247 3.13 -13.51 -6.26
N ASN A 248 2.09 -13.43 -5.42
CA ASN A 248 0.74 -13.16 -5.94
C ASN A 248 0.33 -11.68 -5.83
N CYS A 249 -0.12 -11.12 -6.92
CA CYS A 249 -0.48 -9.71 -6.96
C CYS A 249 -1.93 -9.50 -7.42
N ILE A 250 -2.71 -10.59 -7.49
CA ILE A 250 -4.10 -10.53 -7.94
C ILE A 250 -5.07 -10.79 -6.78
N TYR A 251 -5.99 -9.84 -6.55
CA TYR A 251 -7.05 -10.01 -5.57
C TYR A 251 -8.20 -10.77 -6.22
N LEU A 252 -8.51 -11.95 -5.67
CA LEU A 252 -9.68 -12.75 -6.08
C LEU A 252 -10.47 -13.12 -4.87
N SER A 253 -11.74 -12.73 -4.85
CA SER A 253 -12.64 -13.10 -3.73
C SER A 253 -13.92 -13.84 -4.12
N LYS A 254 -14.00 -14.36 -5.33
CA LYS A 254 -15.10 -15.26 -5.66
C LYS A 254 -14.77 -16.76 -5.55
N PRO A 255 -15.79 -17.60 -5.30
CA PRO A 255 -15.61 -19.06 -5.05
C PRO A 255 -15.07 -19.85 -6.24
N ILE A 256 -13.83 -19.61 -6.65
CA ILE A 256 -13.23 -20.38 -7.77
C ILE A 256 -12.25 -21.43 -7.24
N ALA A 257 -11.65 -22.19 -8.15
CA ALA A 257 -10.67 -23.20 -7.75
C ALA A 257 -9.41 -22.44 -7.30
N PRO A 258 -8.84 -22.83 -6.15
CA PRO A 258 -7.62 -22.15 -5.63
C PRO A 258 -6.35 -22.30 -6.46
N PHE A 259 -5.48 -21.30 -6.41
CA PHE A 259 -4.17 -21.41 -7.10
C PHE A 259 -3.32 -22.59 -6.62
N THR A 260 -3.49 -22.97 -5.37
CA THR A 260 -2.76 -24.07 -4.77
C THR A 260 -3.44 -24.43 -3.45
N ASN A 261 -2.99 -25.51 -2.83
CA ASN A 261 -3.60 -25.93 -1.57
C ASN A 261 -2.63 -26.82 -0.83
N MET A 262 -3.00 -27.22 0.37
CA MET A 262 -2.13 -28.00 1.24
C MET A 262 -1.78 -29.34 0.60
N GLU A 263 -2.74 -29.87 -0.15
CA GLU A 263 -2.57 -31.14 -0.90
C GLU A 263 -1.43 -31.08 -1.93
N LYS A 264 -1.37 -30.02 -2.72
CA LYS A 264 -0.33 -29.88 -3.73
C LYS A 264 1.03 -29.52 -3.13
N LEU A 265 0.99 -28.84 -1.98
CA LEU A 265 2.19 -28.39 -1.22
C LEU A 265 2.86 -29.50 -0.42
N ASN A 266 2.06 -30.48 -0.02
CA ASN A 266 2.50 -31.63 0.77
C ASN A 266 3.20 -32.65 -0.11
N ASN A 267 4.45 -32.36 -0.46
CA ASN A 267 5.10 -33.13 -1.50
C ASN A 267 6.62 -32.98 -1.43
N PRO A 268 7.35 -34.10 -1.26
CA PRO A 268 8.81 -33.98 -1.07
C PRO A 268 9.58 -33.38 -2.27
N ASN A 269 8.98 -33.39 -3.48
CA ASN A 269 9.54 -32.75 -4.64
C ASN A 269 9.27 -31.22 -4.80
N ARG A 270 8.43 -30.66 -3.91
CA ARG A 270 8.16 -29.21 -3.88
C ARG A 270 9.48 -28.46 -3.72
N ARG A 271 9.76 -27.55 -4.64
CA ARG A 271 10.86 -26.59 -4.55
C ARG A 271 10.46 -25.25 -3.86
N LEU A 272 9.16 -24.89 -3.89
CA LEU A 272 8.68 -23.61 -3.33
C LEU A 272 9.09 -23.38 -1.86
N ARG A 273 9.76 -22.28 -1.61
CA ARG A 273 10.18 -21.95 -0.22
C ARG A 273 9.41 -20.74 0.40
N THR A 274 8.94 -19.81 -0.44
CA THR A 274 8.41 -18.53 0.05
C THR A 274 7.21 -18.08 -0.83
N VAL A 275 6.11 -17.77 -0.17
CA VAL A 275 4.95 -17.15 -0.81
C VAL A 275 4.73 -15.72 -0.32
N VAL A 276 4.81 -14.74 -1.22
CA VAL A 276 4.44 -13.36 -0.86
C VAL A 276 3.07 -13.07 -1.48
N ASP A 277 2.04 -13.00 -0.63
CA ASP A 277 0.71 -12.65 -1.15
C ASP A 277 0.56 -11.14 -1.02
N VAL A 278 0.88 -10.46 -2.10
CA VAL A 278 0.81 -8.96 -2.13
C VAL A 278 -0.67 -8.51 -1.99
N SER A 279 -1.61 -9.30 -2.48
CA SER A 279 -3.04 -9.03 -2.31
C SER A 279 -3.63 -9.56 -1.01
N ALA A 280 -2.80 -9.92 -0.02
CA ALA A 280 -3.32 -10.61 1.18
C ALA A 280 -4.44 -9.83 1.87
N ASP A 281 -5.53 -10.51 2.21
CA ASP A 281 -6.67 -9.91 2.91
C ASP A 281 -7.31 -10.98 3.73
N THR A 282 -7.12 -10.85 5.03
CA THR A 282 -7.57 -11.80 6.06
C THR A 282 -9.12 -12.02 6.04
N THR A 283 -9.83 -10.95 5.66
CA THR A 283 -11.28 -10.98 5.53
C THR A 283 -11.76 -11.40 4.12
N ASN A 284 -10.92 -12.10 3.35
CA ASN A 284 -11.36 -12.59 2.04
C ASN A 284 -12.12 -13.91 2.22
N PRO A 285 -13.43 -13.93 1.85
CA PRO A 285 -14.15 -15.20 2.07
C PRO A 285 -13.61 -16.32 1.17
N HIS A 286 -12.97 -15.96 0.05
CA HIS A 286 -12.54 -16.93 -0.93
C HIS A 286 -11.08 -16.69 -1.32
N ASN A 287 -10.25 -16.90 -0.31
CA ASN A 287 -8.84 -16.78 -0.49
C ASN A 287 -8.30 -17.83 -1.47
N PRO A 288 -7.74 -17.39 -2.62
CA PRO A 288 -7.27 -18.34 -3.62
C PRO A 288 -5.92 -18.98 -3.28
N ILE A 289 -5.34 -18.60 -2.14
CA ILE A 289 -4.12 -19.24 -1.64
C ILE A 289 -4.40 -19.62 -0.23
N PRO A 290 -5.26 -20.67 -0.05
CA PRO A 290 -5.86 -21.04 1.25
C PRO A 290 -4.85 -21.84 2.06
N ILE A 291 -3.75 -21.20 2.46
CA ILE A 291 -2.67 -21.91 3.17
C ILE A 291 -2.14 -21.14 4.39
N TYR A 292 -2.87 -20.12 4.82
CA TYR A 292 -2.44 -19.24 5.89
C TYR A 292 -3.67 -18.47 6.38
N THR A 293 -3.71 -18.13 7.65
CA THR A 293 -4.86 -17.48 8.26
C THR A 293 -4.37 -16.17 8.86
N VAL A 294 -3.06 -16.07 9.09
CA VAL A 294 -2.39 -14.91 9.75
C VAL A 294 -1.94 -13.85 8.74
N ALA A 295 -2.24 -12.60 9.05
CA ALA A 295 -1.71 -11.47 8.30
C ALA A 295 -0.41 -11.06 8.97
N THR A 296 0.71 -11.23 8.29
CA THR A 296 1.98 -11.05 9.00
C THR A 296 2.27 -9.54 9.02
N VAL A 297 3.29 -9.16 9.76
CA VAL A 297 3.59 -7.73 10.05
C VAL A 297 5.12 -7.46 10.02
N PHE A 298 5.57 -6.20 10.00
CA PHE A 298 7.02 -5.93 9.95
C PHE A 298 7.77 -6.56 11.12
N ASN A 299 7.20 -6.54 12.31
CA ASN A 299 7.98 -7.13 13.46
C ASN A 299 8.08 -8.66 13.40
N LYS A 300 7.30 -9.28 12.52
CA LYS A 300 7.22 -10.75 12.44
C LYS A 300 6.66 -11.06 11.02
N PRO A 301 7.52 -10.91 9.98
CA PRO A 301 7.12 -10.77 8.60
C PRO A 301 6.73 -12.08 7.92
N THR A 302 7.05 -13.25 8.49
CA THR A 302 6.68 -14.57 7.84
C THR A 302 5.91 -15.48 8.77
N VAL A 303 5.07 -16.36 8.23
CA VAL A 303 4.37 -17.37 9.01
C VAL A 303 4.61 -18.69 8.26
N LEU A 304 4.83 -19.74 9.03
CA LEU A 304 5.06 -21.08 8.52
C LEU A 304 3.78 -21.60 7.86
N VAL A 305 3.88 -22.19 6.70
CA VAL A 305 2.82 -23.06 6.18
C VAL A 305 3.10 -24.48 6.73
N PRO A 306 2.17 -25.02 7.55
CA PRO A 306 2.53 -26.32 8.14
C PRO A 306 2.39 -27.51 7.14
N THR A 307 3.43 -27.74 6.34
CA THR A 307 3.41 -28.84 5.41
C THR A 307 3.80 -30.17 6.11
N THR A 308 3.52 -31.30 5.46
CA THR A 308 3.78 -32.63 6.05
C THR A 308 4.91 -33.30 5.27
N ALA A 309 5.26 -32.67 4.14
CA ALA A 309 6.34 -33.10 3.28
C ALA A 309 6.92 -31.91 2.51
N GLY A 310 8.18 -32.05 2.09
CA GLY A 310 8.89 -30.99 1.40
C GLY A 310 9.55 -29.94 2.32
N PRO A 311 10.39 -29.05 1.74
CA PRO A 311 11.20 -28.16 2.59
C PRO A 311 10.31 -27.15 3.30
N LYS A 312 10.88 -26.45 4.26
CA LYS A 312 10.18 -25.47 5.07
C LYS A 312 9.60 -24.39 4.15
N LEU A 313 8.34 -24.04 4.38
CA LEU A 313 7.63 -23.13 3.47
C LEU A 313 6.99 -22.02 4.29
N SER A 314 7.23 -20.75 3.89
CA SER A 314 6.61 -19.65 4.61
C SER A 314 5.80 -18.67 3.76
N VAL A 315 4.85 -17.99 4.42
CA VAL A 315 3.99 -16.97 3.82
C VAL A 315 4.29 -15.57 4.33
N ILE A 316 4.33 -14.59 3.44
CA ILE A 316 4.43 -13.21 3.84
C ILE A 316 3.09 -12.67 3.46
N SER A 317 2.33 -12.24 4.45
CA SER A 317 1.02 -11.64 4.12
C SER A 317 0.84 -10.20 4.63
N ILE A 318 1.91 -9.40 4.65
CA ILE A 318 1.83 -8.03 5.12
C ILE A 318 0.84 -7.20 4.23
N ASP A 319 -0.10 -6.45 4.81
CA ASP A 319 -1.05 -5.65 3.98
C ASP A 319 -0.67 -4.17 3.82
N HIS A 320 0.51 -3.79 4.33
CA HIS A 320 1.03 -2.43 4.21
C HIS A 320 2.43 -2.46 3.65
N LEU A 321 2.64 -3.29 2.62
CA LEU A 321 3.93 -3.39 1.95
C LEU A 321 4.56 -2.03 1.45
N PRO A 322 3.73 -1.10 0.84
CA PRO A 322 4.27 0.28 0.50
C PRO A 322 5.12 0.96 1.60
N SER A 323 4.77 0.70 2.85
CA SER A 323 5.42 1.30 4.02
C SER A 323 6.86 0.88 4.21
N LEU A 324 7.31 -0.13 3.48
CA LEU A 324 8.73 -0.53 3.52
C LEU A 324 9.57 0.50 2.76
N LEU A 325 8.95 1.18 1.81
CA LEU A 325 9.66 2.28 1.08
C LEU A 325 8.73 3.49 1.08
N PRO A 326 8.61 4.17 2.21
CA PRO A 326 7.61 5.23 2.35
C PRO A 326 7.94 6.44 1.44
N ARG A 327 9.21 6.65 1.07
CA ARG A 327 9.55 7.85 0.30
C ARG A 327 9.16 7.71 -1.15
N GLU A 328 9.63 6.60 -1.76
CA GLU A 328 9.27 6.28 -3.13
C GLU A 328 7.77 6.02 -3.27
N ALA A 329 7.15 5.35 -2.28
CA ALA A 329 5.70 5.16 -2.34
C ALA A 329 4.96 6.51 -2.38
N SER A 330 5.39 7.44 -1.53
CA SER A 330 4.81 8.82 -1.55
C SER A 330 4.98 9.54 -2.84
N GLU A 331 6.21 9.49 -3.39
CA GLU A 331 6.51 10.20 -4.61
C GLU A 331 5.58 9.75 -5.72
N PHE A 332 5.47 8.44 -5.90
CA PHE A 332 4.62 7.90 -6.98
C PHE A 332 3.13 8.19 -6.77
N PHE A 333 2.65 8.04 -5.55
CA PHE A 333 1.25 8.32 -5.24
C PHE A 333 0.93 9.82 -5.48
N SER A 334 1.83 10.69 -5.04
CA SER A 334 1.62 12.12 -5.09
C SER A 334 1.77 12.64 -6.51
N HIS A 335 2.69 12.04 -7.27
CA HIS A 335 2.80 12.38 -8.69
C HIS A 335 1.46 12.03 -9.39
N ASP A 336 0.97 10.82 -9.18
CA ASP A 336 -0.29 10.35 -9.83
C ASP A 336 -1.51 11.19 -9.42
N LEU A 337 -1.48 11.72 -8.20
CA LEU A 337 -2.58 12.51 -7.64
C LEU A 337 -2.55 13.96 -8.12
N LEU A 338 -1.36 14.41 -8.49
CA LEU A 338 -1.17 15.81 -8.86
C LEU A 338 -2.12 16.36 -9.95
N PRO A 339 -2.38 15.63 -11.08
CA PRO A 339 -3.28 16.28 -12.08
C PRO A 339 -4.68 16.57 -11.50
N SER A 340 -5.19 15.68 -10.66
CA SER A 340 -6.43 15.91 -9.97
C SER A 340 -6.35 17.10 -8.98
N LEU A 341 -5.21 17.25 -8.28
CA LEU A 341 -5.07 18.40 -7.35
C LEU A 341 -5.15 19.73 -8.11
N GLU A 342 -4.53 19.75 -9.30
CA GLU A 342 -4.58 20.96 -10.16
C GLU A 342 -6.01 21.40 -10.53
N LEU A 343 -6.96 20.48 -10.40
CA LEU A 343 -8.37 20.77 -10.64
C LEU A 343 -9.14 21.26 -9.39
N LEU A 344 -8.47 21.36 -8.25
CA LEU A 344 -9.15 21.81 -7.03
C LEU A 344 -9.80 23.21 -7.17
N PRO A 345 -9.16 24.17 -7.89
CA PRO A 345 -9.89 25.47 -8.07
C PRO A 345 -11.26 25.27 -8.70
N GLN A 346 -11.47 24.16 -9.44
CA GLN A 346 -12.78 23.88 -10.03
C GLN A 346 -13.56 22.71 -9.45
N ARG A 347 -13.24 22.40 -8.19
CA ARG A 347 -13.79 21.23 -7.53
C ARG A 347 -15.31 21.24 -7.42
N LYS A 348 -15.93 22.42 -7.36
CA LYS A 348 -17.43 22.48 -7.45
C LYS A 348 -17.99 21.86 -8.76
N THR A 349 -17.24 21.87 -9.84
CA THR A 349 -17.79 21.34 -11.10
C THR A 349 -17.05 20.12 -11.70
N ALA A 350 -15.71 20.11 -11.62
CA ALA A 350 -14.83 19.01 -12.06
C ALA A 350 -15.33 17.63 -11.56
N PRO A 351 -15.79 16.76 -12.48
CA PRO A 351 -16.32 15.47 -12.11
C PRO A 351 -15.46 14.61 -11.14
N VAL A 352 -14.14 14.68 -11.24
CA VAL A 352 -13.28 13.87 -10.36
C VAL A 352 -13.57 14.25 -8.91
N TRP A 353 -13.67 15.55 -8.65
CA TRP A 353 -14.06 16.03 -7.31
C TRP A 353 -15.55 15.90 -7.02
N VAL A 354 -16.41 16.24 -7.99
CA VAL A 354 -17.88 16.03 -7.81
C VAL A 354 -18.25 14.57 -7.50
N ARG A 355 -17.66 13.60 -8.21
CA ARG A 355 -17.88 12.19 -7.89
C ARG A 355 -17.59 11.87 -6.43
N ALA A 356 -16.43 12.30 -5.95
CA ALA A 356 -16.06 12.14 -4.55
C ALA A 356 -17.01 12.88 -3.55
N LYS A 357 -17.35 14.14 -3.84
CA LYS A 357 -18.37 14.86 -3.01
C LYS A 357 -19.75 14.17 -2.98
N LYS A 358 -20.28 13.83 -4.16
CA LYS A 358 -21.64 13.19 -4.24
C LYS A 358 -21.64 11.89 -3.46
N LEU A 359 -20.51 11.15 -3.56
CA LEU A 359 -20.38 9.88 -2.86
C LEU A 359 -20.37 10.09 -1.33
N PHE A 360 -19.52 10.98 -0.84
CA PHE A 360 -19.62 11.49 0.55
C PHE A 360 -21.10 11.74 0.94
N ASP A 361 -21.83 12.57 0.17
CA ASP A 361 -23.24 12.92 0.53
C ASP A 361 -24.12 11.67 0.63
N ARG A 362 -23.90 10.70 -0.26
CA ARG A 362 -24.70 9.45 -0.25
C ARG A 362 -24.47 8.65 1.04
N HIS A 363 -23.19 8.49 1.41
CA HIS A 363 -22.82 7.73 2.62
C HIS A 363 -23.29 8.46 3.86
N CYS A 364 -23.24 9.79 3.81
CA CYS A 364 -23.85 10.68 4.83
C CYS A 364 -25.36 10.52 5.05
N ALA A 365 -26.10 10.45 3.94
CA ALA A 365 -27.53 10.15 3.96
C ALA A 365 -27.87 8.83 4.65
N ARG A 366 -26.98 7.85 4.60
CA ARG A 366 -27.24 6.56 5.29
C ARG A 366 -27.22 6.69 6.81
N VAL A 367 -26.62 7.76 7.34
CA VAL A 367 -26.45 7.87 8.78
C VAL A 367 -27.71 8.40 9.49
N LYS A 368 -28.37 7.51 10.23
CA LYS A 368 -29.60 7.87 10.88
C LYS A 368 -29.33 8.07 12.35
N ARG A 369 -29.42 9.32 12.79
CA ARG A 369 -29.09 9.70 14.17
C ARG A 369 -30.04 10.73 14.74
N SER A 370 -30.47 10.47 15.97
CA SER A 370 -31.33 11.40 16.72
C SER A 370 -30.74 12.86 16.85
N SER A 371 -29.40 12.94 16.96
CA SER A 371 -28.68 14.20 17.03
C SER A 371 -28.77 15.03 15.74
N ARG A 372 -29.25 14.45 14.64
CA ARG A 372 -29.45 15.21 13.38
C ARG A 372 -30.88 15.78 13.27
N LEU A 373 -31.79 15.36 14.14
CA LEU A 373 -33.19 15.87 14.07
C LEU A 373 -33.29 17.38 14.43
#